data_4EPZ
#
_entry.id   4EPZ
#
_cell.length_a   42.253
_cell.length_b   81.110
_cell.length_c   105.702
_cell.angle_alpha   90.000
_cell.angle_beta   90.000
_cell.angle_gamma   90.000
#
_symmetry.space_group_name_H-M   'C 2 2 21'
#
loop_
_entity.id
_entity.type
_entity.pdbx_description
1 polymer 'transcription anti-terminator antagonist UpxZ'
2 non-polymer 'CALCIUM ION'
3 water water
#
_entity_poly.entity_id   1
_entity_poly.type   'polypeptide(L)'
_entity_poly.pdbx_seq_one_letter_code
;G(MSE)NSLLSRALELQR(MSE)AHEL(MSE)YLDTNGSPIYSDEFCRLNKEVLTRSDSLFSEQSSDIEEEGNLCLALL
(MSE)GYNATIYDNGDKERKKQVILDRIYNI(MSE)SQLPASLLK(MSE)RLLTWGYSETYDEELAHEAHQLIETWNISD
LTDEQKEIIEELRNFEENQYPWEEVQE
;
_entity_poly.pdbx_strand_id   A
#
loop_
_chem_comp.id
_chem_comp.type
_chem_comp.name
_chem_comp.formula
CA non-polymer 'CALCIUM ION' 'Ca 2'
#
# COMPACT_ATOMS: atom_id res chain seq x y z
N ASN A 3 7.42 -7.01 -19.61
CA ASN A 3 8.31 -6.38 -18.64
C ASN A 3 8.12 -4.85 -18.61
N SER A 4 6.90 -4.37 -18.93
CA SER A 4 6.56 -2.96 -18.91
C SER A 4 6.54 -2.42 -17.48
N LEU A 5 6.52 -1.10 -17.34
CA LEU A 5 6.42 -0.40 -16.08
C LEU A 5 5.20 -0.89 -15.28
N LEU A 6 4.03 -0.98 -15.95
CA LEU A 6 2.82 -1.46 -15.30
C LEU A 6 2.95 -2.92 -14.88
N SER A 7 3.50 -3.81 -15.76
CA SER A 7 3.68 -5.23 -15.44
C SER A 7 4.54 -5.35 -14.19
N ARG A 8 5.65 -4.59 -14.14
CA ARG A 8 6.59 -4.55 -13.02
CA ARG A 8 6.56 -4.62 -13.00
C ARG A 8 5.86 -4.09 -11.75
N ALA A 9 5.04 -3.04 -11.85
CA ALA A 9 4.30 -2.52 -10.69
C ALA A 9 3.28 -3.54 -10.17
N LEU A 10 2.54 -4.20 -11.10
CA LEU A 10 1.56 -5.17 -10.66
C LEU A 10 2.25 -6.37 -10.01
N GLU A 11 3.46 -6.76 -10.55
CA GLU A 11 4.24 -7.87 -9.99
C GLU A 11 4.67 -7.53 -8.57
N LEU A 12 5.17 -6.30 -8.37
CA LEU A 12 5.58 -5.81 -7.06
C LEU A 12 4.38 -5.76 -6.10
N GLN A 13 3.21 -5.26 -6.54
CA GLN A 13 2.02 -5.25 -5.66
C GLN A 13 1.70 -6.66 -5.16
N ARG A 14 1.74 -7.64 -6.10
CA ARG A 14 1.45 -9.04 -5.80
CA ARG A 14 1.44 -9.04 -5.79
CA ARG A 14 1.49 -9.07 -5.85
C ARG A 14 2.48 -9.61 -4.80
N MSE A 15 3.76 -9.41 -5.07
CA MSE A 15 4.84 -9.93 -4.23
CA MSE A 15 4.85 -9.92 -4.24
C MSE A 15 4.84 -9.31 -2.85
O MSE A 15 5.03 -10.04 -1.86
CB MSE A 15 6.20 -9.74 -4.89
CB MSE A 15 6.19 -9.73 -4.93
CG MSE A 15 7.24 -10.67 -4.32
CG MSE A 15 6.28 -10.50 -6.22
SE MSE A 15 8.88 -10.54 -5.26
SE MSE A 15 8.01 -10.53 -7.02
CE MSE A 15 8.47 -11.80 -6.75
CE MSE A 15 8.91 -11.64 -5.66
N ALA A 16 4.60 -7.98 -2.77
CA ALA A 16 4.55 -7.30 -1.48
C ALA A 16 3.38 -7.84 -0.66
N HIS A 17 2.22 -8.06 -1.32
CA HIS A 17 1.06 -8.64 -0.65
C HIS A 17 1.37 -10.03 -0.09
N GLU A 18 2.00 -10.87 -0.94
CA GLU A 18 2.41 -12.25 -0.62
CA GLU A 18 2.32 -12.24 -0.56
C GLU A 18 3.28 -12.26 0.64
N LEU A 19 4.27 -11.36 0.66
CA LEU A 19 5.21 -11.24 1.74
C LEU A 19 4.51 -10.84 3.04
N MSE A 20 3.59 -9.88 2.98
CA MSE A 20 2.90 -9.36 4.17
C MSE A 20 1.89 -10.37 4.74
O MSE A 20 1.68 -10.39 5.95
CB MSE A 20 2.23 -8.03 3.87
CG MSE A 20 3.26 -6.96 3.76
SE MSE A 20 2.61 -5.15 3.63
CE MSE A 20 1.87 -5.24 1.81
N TYR A 21 1.31 -11.21 3.91
CA TYR A 21 0.28 -12.17 4.32
C TYR A 21 0.82 -13.58 4.62
N LEU A 22 2.16 -13.70 4.72
CA LEU A 22 2.88 -14.96 4.93
C LEU A 22 2.71 -15.46 6.37
N ILE A 29 13.27 -18.06 11.90
CA ILE A 29 12.41 -17.29 11.01
C ILE A 29 13.18 -16.77 9.79
N TYR A 30 14.45 -16.37 10.00
CA TYR A 30 15.34 -15.81 8.98
C TYR A 30 15.99 -16.90 8.11
N SER A 31 15.20 -17.57 7.27
CA SER A 31 15.67 -18.59 6.33
C SER A 31 16.28 -17.90 5.10
N ASP A 32 17.05 -18.65 4.26
CA ASP A 32 17.62 -18.14 3.02
C ASP A 32 16.52 -17.60 2.09
N GLU A 33 15.38 -18.32 2.01
CA GLU A 33 14.22 -17.97 1.20
C GLU A 33 13.54 -16.71 1.73
N PHE A 34 13.32 -16.63 3.06
CA PHE A 34 12.71 -15.44 3.68
C PHE A 34 13.54 -14.20 3.32
N CYS A 35 14.87 -14.31 3.45
CA CYS A 35 15.78 -13.21 3.12
C CYS A 35 15.70 -12.90 1.61
N ARG A 36 15.68 -13.93 0.75
CA ARG A 36 15.59 -13.83 -0.72
C ARG A 36 14.33 -13.04 -1.16
N LEU A 37 13.16 -13.41 -0.60
CA LEU A 37 11.87 -12.77 -0.86
C LEU A 37 11.85 -11.32 -0.34
N ASN A 38 12.38 -11.09 0.88
CA ASN A 38 12.45 -9.73 1.41
C ASN A 38 13.38 -8.89 0.57
N LYS A 39 14.50 -9.51 0.09
CA LYS A 39 15.50 -8.84 -0.73
CA LYS A 39 15.48 -8.79 -0.71
C LYS A 39 14.93 -8.51 -2.10
N GLU A 40 14.21 -9.46 -2.70
CA GLU A 40 13.62 -9.26 -4.02
C GLU A 40 12.60 -8.13 -3.99
N VAL A 41 11.77 -8.06 -2.94
CA VAL A 41 10.77 -6.97 -2.82
C VAL A 41 11.54 -5.62 -2.70
N LEU A 42 12.65 -5.57 -1.92
CA LEU A 42 13.42 -4.33 -1.81
C LEU A 42 14.04 -3.96 -3.16
N THR A 43 14.66 -4.95 -3.83
CA THR A 43 15.31 -4.76 -5.13
C THR A 43 14.32 -4.20 -6.15
N ARG A 44 13.14 -4.82 -6.25
CA ARG A 44 12.08 -4.39 -7.19
C ARG A 44 11.58 -2.98 -6.86
N SER A 45 11.40 -2.67 -5.57
CA SER A 45 10.96 -1.35 -5.14
C SER A 45 12.03 -0.31 -5.52
N ASP A 46 13.31 -0.60 -5.22
CA ASP A 46 14.40 0.31 -5.58
C ASP A 46 14.47 0.53 -7.09
N SER A 47 14.30 -0.52 -7.90
CA SER A 47 14.37 -0.39 -9.35
CA SER A 47 14.38 -0.37 -9.36
C SER A 47 13.24 0.51 -9.89
N LEU A 48 12.02 0.37 -9.35
CA LEU A 48 10.87 1.12 -9.81
C LEU A 48 10.79 2.56 -9.26
N PHE A 49 11.46 2.81 -8.13
CA PHE A 49 11.39 4.10 -7.45
C PHE A 49 11.70 5.33 -8.33
N SER A 50 12.69 5.24 -9.24
CA SER A 50 13.08 6.38 -10.10
C SER A 50 12.13 6.60 -11.28
N GLU A 51 11.18 5.68 -11.53
CA GLU A 51 10.24 5.78 -12.64
C GLU A 51 9.16 6.80 -12.29
N GLN A 52 8.80 7.62 -13.29
CA GLN A 52 7.80 8.68 -13.18
CA GLN A 52 7.83 8.70 -13.20
C GLN A 52 6.78 8.51 -14.28
N SER A 53 5.50 8.67 -13.99
CA SER A 53 4.52 8.47 -15.06
C SER A 53 3.59 9.65 -15.16
N SER A 54 3.27 10.08 -16.40
CA SER A 54 2.33 11.20 -16.56
CA SER A 54 2.32 11.19 -16.59
C SER A 54 0.89 10.67 -16.54
N ASP A 55 0.68 9.39 -16.84
CA ASP A 55 -0.63 8.78 -16.85
C ASP A 55 -1.07 8.52 -15.41
N ILE A 56 -2.22 9.08 -15.01
CA ILE A 56 -2.63 8.95 -13.60
CA ILE A 56 -2.72 9.00 -13.63
C ILE A 56 -2.90 7.53 -13.14
N GLU A 57 -3.48 6.68 -13.99
CA GLU A 57 -3.71 5.27 -13.57
C GLU A 57 -2.37 4.53 -13.43
N GLU A 58 -1.44 4.75 -14.36
CA GLU A 58 -0.14 4.08 -14.28
C GLU A 58 0.62 4.62 -13.04
N GLU A 59 0.62 5.95 -12.84
CA GLU A 59 1.22 6.58 -11.67
C GLU A 59 0.61 6.02 -10.35
N GLY A 60 -0.73 5.86 -10.28
CA GLY A 60 -1.36 5.26 -9.10
C GLY A 60 -0.83 3.86 -8.82
N ASN A 61 -0.73 3.02 -9.87
CA ASN A 61 -0.27 1.64 -9.69
C ASN A 61 1.21 1.61 -9.28
N LEU A 62 2.03 2.49 -9.89
CA LEU A 62 3.45 2.60 -9.51
C LEU A 62 3.58 2.99 -8.03
N CYS A 63 2.86 4.04 -7.62
CA CYS A 63 2.92 4.52 -6.24
C CYS A 63 2.44 3.47 -5.27
N LEU A 64 1.32 2.80 -5.61
CA LEU A 64 0.83 1.76 -4.72
C LEU A 64 1.85 0.63 -4.58
N ALA A 65 2.44 0.18 -5.72
CA ALA A 65 3.47 -0.87 -5.66
C ALA A 65 4.65 -0.45 -4.75
N LEU A 66 5.09 0.80 -4.87
CA LEU A 66 6.25 1.30 -4.11
C LEU A 66 5.96 1.38 -2.64
N LEU A 67 4.76 1.89 -2.27
CA LEU A 67 4.40 2.01 -0.86
C LEU A 67 4.24 0.65 -0.23
N MSE A 68 3.57 -0.26 -0.95
CA MSE A 68 3.41 -1.64 -0.48
C MSE A 68 4.76 -2.36 -0.35
O MSE A 68 5.01 -3.00 0.67
CB MSE A 68 2.48 -2.42 -1.43
CG MSE A 68 1.06 -1.93 -1.34
SE MSE A 68 -0.11 -3.04 -2.42
CE MSE A 68 0.05 -4.71 -1.42
N GLY A 69 5.63 -2.19 -1.37
CA GLY A 69 6.96 -2.81 -1.43
C GLY A 69 7.83 -2.40 -0.26
N TYR A 70 7.98 -1.06 -0.06
CA TYR A 70 8.81 -0.56 1.05
C TYR A 70 8.18 -0.89 2.42
N ASN A 71 6.84 -1.05 2.52
CA ASN A 71 6.26 -1.45 3.79
C ASN A 71 6.43 -2.95 4.01
N ALA A 72 6.39 -3.75 2.94
CA ALA A 72 6.49 -5.22 3.04
C ALA A 72 7.90 -5.70 3.44
N THR A 73 8.93 -5.14 2.82
CA THR A 73 10.30 -5.63 3.05
C THR A 73 10.82 -5.24 4.44
N ILE A 74 11.57 -6.17 5.10
CA ILE A 74 12.19 -5.91 6.40
C ILE A 74 13.41 -5.01 6.25
N TYR A 75 13.99 -5.00 5.04
CA TYR A 75 15.23 -4.26 4.80
C TYR A 75 14.99 -2.77 4.68
N ASP A 76 15.91 -2.00 5.26
CA ASP A 76 15.86 -0.53 5.33
C ASP A 76 17.28 -0.07 5.33
N ASN A 77 17.71 0.60 4.25
CA ASN A 77 19.09 1.12 4.13
C ASN A 77 19.27 2.50 4.79
N GLY A 78 18.30 2.93 5.60
CA GLY A 78 18.33 4.22 6.26
C GLY A 78 17.71 5.38 5.49
N ASP A 79 17.28 5.12 4.24
CA ASP A 79 16.69 6.10 3.33
C ASP A 79 15.24 5.73 2.97
N LYS A 80 14.75 4.58 3.48
CA LYS A 80 13.40 4.12 3.14
C LYS A 80 12.30 5.11 3.59
N GLU A 81 12.44 5.67 4.81
CA GLU A 81 11.42 6.63 5.29
C GLU A 81 11.38 7.87 4.39
N ARG A 82 12.55 8.39 3.99
CA ARG A 82 12.59 9.53 3.08
C ARG A 82 11.89 9.14 1.74
N LYS A 83 12.24 7.96 1.17
CA LYS A 83 11.62 7.49 -0.09
C LYS A 83 10.09 7.34 0.05
N LYS A 84 9.58 6.87 1.20
CA LYS A 84 8.14 6.75 1.38
C LYS A 84 7.45 8.11 1.31
N GLN A 85 8.10 9.16 1.82
CA GLN A 85 7.52 10.50 1.76
C GLN A 85 7.51 11.01 0.34
N VAL A 86 8.56 10.70 -0.47
CA VAL A 86 8.51 11.06 -1.90
C VAL A 86 7.27 10.41 -2.57
N ILE A 87 7.01 9.13 -2.27
CA ILE A 87 5.89 8.39 -2.83
C ILE A 87 4.57 8.97 -2.37
N LEU A 88 4.46 9.25 -1.06
CA LEU A 88 3.25 9.88 -0.55
C LEU A 88 2.94 11.21 -1.25
N ASP A 89 3.98 12.01 -1.49
CA ASP A 89 3.80 13.30 -2.19
C ASP A 89 3.27 13.06 -3.61
N ARG A 90 3.82 12.05 -4.29
CA ARG A 90 3.32 11.70 -5.63
C ARG A 90 1.84 11.26 -5.58
N ILE A 91 1.45 10.53 -4.50
CA ILE A 91 0.04 10.09 -4.37
C ILE A 91 -0.87 11.29 -4.11
N TYR A 92 -0.50 12.21 -3.19
CA TYR A 92 -1.34 13.38 -2.92
C TYR A 92 -1.53 14.22 -4.21
N ASN A 93 -0.55 14.23 -5.11
CA ASN A 93 -0.66 14.97 -6.37
C ASN A 93 -1.61 14.36 -7.37
N ILE A 94 -1.98 13.08 -7.22
CA ILE A 94 -2.91 12.50 -8.20
C ILE A 94 -4.25 12.07 -7.56
N MSE A 95 -4.33 11.94 -6.21
CA MSE A 95 -5.50 11.34 -5.56
C MSE A 95 -6.84 11.91 -6.04
O MSE A 95 -7.72 11.12 -6.38
CB MSE A 95 -5.39 11.47 -4.01
CG MSE A 95 -6.48 10.70 -3.29
SE MSE A 95 -6.11 8.81 -3.46
CE MSE A 95 -4.90 8.67 -2.03
N SER A 96 -6.97 13.25 -6.12
CA SER A 96 -8.25 13.88 -6.50
C SER A 96 -8.65 13.57 -7.97
N GLN A 97 -7.71 13.15 -8.81
CA GLN A 97 -8.00 12.84 -10.20
C GLN A 97 -8.40 11.38 -10.43
N LEU A 98 -8.10 10.50 -9.47
CA LEU A 98 -8.41 9.10 -9.67
C LEU A 98 -9.89 8.83 -9.51
N PRO A 99 -10.48 8.03 -10.41
CA PRO A 99 -11.87 7.63 -10.20
C PRO A 99 -11.97 6.62 -9.07
N ALA A 100 -13.20 6.43 -8.53
CA ALA A 100 -13.47 5.40 -7.53
C ALA A 100 -13.05 4.05 -8.12
N SER A 101 -12.25 3.29 -7.38
CA SER A 101 -11.69 1.99 -7.79
C SER A 101 -11.03 1.32 -6.62
N LEU A 102 -10.71 0.02 -6.78
CA LEU A 102 -9.97 -0.74 -5.77
C LEU A 102 -8.61 -0.08 -5.58
N LEU A 103 -8.00 0.36 -6.70
CA LEU A 103 -6.70 1.03 -6.64
C LEU A 103 -6.76 2.25 -5.73
N LYS A 104 -7.80 3.08 -5.93
CA LYS A 104 -7.94 4.33 -5.15
C LYS A 104 -8.16 3.98 -3.69
N MSE A 105 -8.98 2.95 -3.41
CA MSE A 105 -9.20 2.52 -2.03
C MSE A 105 -7.85 2.08 -1.37
O MSE A 105 -7.56 2.46 -0.24
CB MSE A 105 -10.17 1.34 -2.00
CG MSE A 105 -10.42 0.82 -0.59
SE MSE A 105 -11.40 2.17 0.49
CE MSE A 105 -11.06 1.19 2.21
N ARG A 106 -7.07 1.30 -2.09
CA ARG A 106 -5.77 0.83 -1.58
C ARG A 106 -4.81 2.00 -1.35
N LEU A 107 -4.82 3.00 -2.25
CA LEU A 107 -3.94 4.15 -2.08
C LEU A 107 -4.37 4.98 -0.85
N LEU A 108 -5.69 5.17 -0.70
CA LEU A 108 -6.19 5.92 0.47
C LEU A 108 -5.83 5.20 1.75
N THR A 109 -5.92 3.85 1.77
CA THR A 109 -5.67 3.09 2.99
C THR A 109 -4.17 3.12 3.32
N TRP A 110 -3.33 2.76 2.35
CA TRP A 110 -1.87 2.80 2.56
C TRP A 110 -1.38 4.22 2.87
N GLY A 111 -1.93 5.21 2.18
CA GLY A 111 -1.55 6.61 2.44
C GLY A 111 -1.94 7.03 3.84
N TYR A 112 -3.13 6.62 4.30
CA TYR A 112 -3.54 6.89 5.70
C TYR A 112 -2.58 6.21 6.68
N SER A 113 -2.16 4.95 6.40
CA SER A 113 -1.28 4.26 7.35
C SER A 113 0.04 4.98 7.60
N GLU A 114 0.49 5.74 6.61
CA GLU A 114 1.77 6.46 6.67
C GLU A 114 1.64 7.85 7.27
N THR A 115 0.46 8.44 7.22
CA THR A 115 0.25 9.83 7.62
C THR A 115 -0.67 10.05 8.79
N TYR A 116 -1.64 9.11 8.98
CA TYR A 116 -2.77 9.25 9.88
C TYR A 116 -3.51 10.57 9.55
N ASP A 117 -3.57 10.89 8.23
CA ASP A 117 -4.34 12.04 7.72
C ASP A 117 -5.82 11.63 7.77
N GLU A 118 -6.60 12.25 8.68
CA GLU A 118 -8.01 11.88 8.86
C GLU A 118 -8.84 12.11 7.57
N GLU A 119 -8.40 12.99 6.67
CA GLU A 119 -9.13 13.20 5.41
C GLU A 119 -9.03 11.96 4.52
N LEU A 120 -7.88 11.24 4.58
CA LEU A 120 -7.73 10.03 3.78
C LEU A 120 -8.65 8.92 4.33
N ALA A 121 -8.68 8.70 5.68
CA ALA A 121 -9.60 7.72 6.29
C ALA A 121 -11.05 8.05 5.92
N HIS A 122 -11.42 9.36 6.00
CA HIS A 122 -12.79 9.81 5.73
C HIS A 122 -13.19 9.45 4.31
N GLU A 123 -12.32 9.76 3.32
CA GLU A 123 -12.60 9.43 1.93
C GLU A 123 -12.65 7.89 1.72
N ALA A 124 -11.76 7.14 2.37
CA ALA A 124 -11.74 5.68 2.31
C ALA A 124 -13.08 5.11 2.84
N HIS A 125 -13.61 5.64 3.97
CA HIS A 125 -14.92 5.16 4.47
C HIS A 125 -16.07 5.49 3.50
N GLN A 126 -15.98 6.62 2.77
CA GLN A 126 -17.01 6.99 1.79
CA GLN A 126 -17.01 6.99 1.81
C GLN A 126 -17.00 6.01 0.62
N LEU A 127 -15.78 5.54 0.22
CA LEU A 127 -15.68 4.56 -0.86
C LEU A 127 -16.30 3.24 -0.42
N ILE A 128 -16.01 2.84 0.83
CA ILE A 128 -16.56 1.59 1.38
C ILE A 128 -18.10 1.62 1.30
N GLU A 129 -18.70 2.75 1.69
CA GLU A 129 -20.17 2.95 1.71
CA GLU A 129 -20.17 2.83 1.72
C GLU A 129 -20.78 2.74 0.31
N THR A 130 -19.99 2.86 -0.76
CA THR A 130 -20.52 2.68 -2.12
C THR A 130 -20.62 1.19 -2.50
N TRP A 131 -19.98 0.29 -1.72
CA TRP A 131 -19.99 -1.15 -2.00
C TRP A 131 -21.24 -1.86 -1.44
N ASN A 132 -21.34 -3.15 -1.74
CA ASN A 132 -22.49 -3.95 -1.34
C ASN A 132 -22.11 -4.82 -0.15
N ILE A 133 -22.60 -4.44 1.04
CA ILE A 133 -22.38 -5.19 2.28
C ILE A 133 -22.77 -6.70 2.10
N SER A 134 -23.80 -6.99 1.27
CA SER A 134 -24.29 -8.35 1.04
CA SER A 134 -24.28 -8.36 1.05
C SER A 134 -23.42 -9.14 0.04
N ASP A 135 -22.43 -8.48 -0.61
CA ASP A 135 -21.56 -9.16 -1.59
C ASP A 135 -20.25 -8.41 -1.77
N LEU A 136 -19.48 -8.35 -0.71
CA LEU A 136 -18.18 -7.69 -0.79
C LEU A 136 -17.23 -8.66 -1.47
N THR A 137 -16.36 -8.17 -2.36
CA THR A 137 -15.33 -8.98 -2.99
C THR A 137 -14.28 -9.39 -1.96
N ASP A 138 -13.47 -10.43 -2.24
CA ASP A 138 -12.38 -10.84 -1.32
C ASP A 138 -11.40 -9.66 -1.06
N GLU A 139 -11.07 -8.87 -2.11
CA GLU A 139 -10.15 -7.73 -1.99
C GLU A 139 -10.76 -6.58 -1.17
N GLN A 140 -12.07 -6.34 -1.34
CA GLN A 140 -12.79 -5.32 -0.57
C GLN A 140 -12.77 -5.72 0.90
N LYS A 141 -13.05 -7.01 1.19
CA LYS A 141 -13.01 -7.46 2.60
C LYS A 141 -11.61 -7.27 3.20
N GLU A 142 -10.55 -7.62 2.46
CA GLU A 142 -9.18 -7.49 2.93
C GLU A 142 -8.79 -6.04 3.21
N ILE A 143 -9.13 -5.11 2.28
CA ILE A 143 -8.69 -3.72 2.43
C ILE A 143 -9.48 -3.08 3.60
N ILE A 144 -10.76 -3.46 3.78
CA ILE A 144 -11.53 -2.97 4.94
C ILE A 144 -10.82 -3.39 6.27
N GLU A 145 -10.37 -4.64 6.33
CA GLU A 145 -9.67 -5.20 7.47
CA GLU A 145 -9.67 -5.19 7.49
C GLU A 145 -8.36 -4.44 7.69
N GLU A 146 -7.61 -4.19 6.61
CA GLU A 146 -6.32 -3.48 6.69
C GLU A 146 -6.51 -2.06 7.24
N LEU A 147 -7.51 -1.34 6.70
CA LEU A 147 -7.84 0.01 7.17
C LEU A 147 -8.22 -0.01 8.65
N ARG A 148 -9.09 -0.94 9.06
CA ARG A 148 -9.47 -1.01 10.47
C ARG A 148 -8.25 -1.26 11.36
N ASN A 149 -7.32 -2.14 10.95
CA ASN A 149 -6.12 -2.43 11.73
CA ASN A 149 -6.11 -2.43 11.74
C ASN A 149 -5.23 -1.19 11.84
N PHE A 150 -5.09 -0.40 10.76
CA PHE A 150 -4.29 0.84 10.83
C PHE A 150 -4.94 1.83 11.82
N GLU A 151 -6.27 1.94 11.78
CA GLU A 151 -6.99 2.86 12.65
C GLU A 151 -6.81 2.47 14.12
N GLU A 152 -6.95 1.18 14.43
CA GLU A 152 -6.85 0.66 15.80
CA GLU A 152 -6.87 0.69 15.81
C GLU A 152 -5.42 0.65 16.37
N ASN A 153 -4.40 0.68 15.50
CA ASN A 153 -3.01 0.57 15.95
C ASN A 153 -2.20 1.84 15.69
N GLN A 154 -2.88 2.99 15.71
CA GLN A 154 -2.18 4.24 15.50
C GLN A 154 -1.10 4.47 16.54
N TYR A 155 -1.43 4.22 17.82
CA TYR A 155 -0.51 4.52 18.91
C TYR A 155 -0.07 3.26 19.66
N PRO A 156 1.23 2.87 19.56
CA PRO A 156 1.70 1.66 20.27
C PRO A 156 1.53 1.76 21.77
N TRP A 157 1.59 3.01 22.31
CA TRP A 157 1.45 3.24 23.74
C TRP A 157 0.00 2.97 24.22
N GLU A 158 -0.96 2.85 23.28
CA GLU A 158 -2.38 2.58 23.58
C GLU A 158 -2.69 1.09 23.65
N GLU A 159 -1.71 0.21 23.26
CA GLU A 159 -1.92 -1.24 23.30
CA GLU A 159 -1.92 -1.24 23.28
CA GLU A 159 -1.93 -1.24 23.29
C GLU A 159 -2.40 -1.68 24.67
N VAL A 160 -3.38 -2.59 24.70
CA VAL A 160 -3.98 -3.11 25.92
C VAL A 160 -2.86 -3.61 26.85
N GLN A 161 -2.88 -3.14 28.11
CA GLN A 161 -1.93 -3.54 29.14
C GLN A 161 -2.24 -4.96 29.61
N GLU A 162 -1.24 -5.85 29.61
CA GLU A 162 -1.40 -7.25 30.05
C GLU A 162 -0.06 -7.86 30.51
CA CA B . 6.02 3.55 9.80
CA CA C . 8.14 8.14 -17.28
#